data_4H7U
#
_entry.id   4H7U
#
_cell.length_a   51.938
_cell.length_b   74.640
_cell.length_c   139.286
_cell.angle_alpha   90.00
_cell.angle_beta   90.00
_cell.angle_gamma   90.00
#
_symmetry.space_group_name_H-M   'P 21 21 21'
#
loop_
_entity.id
_entity.type
_entity.pdbx_description
1 polymer 'Pyranose dehydrogenase'
2 branched 2-acetamido-2-deoxy-beta-D-glucopyranose-(1-4)-2-acetamido-2-deoxy-beta-D-glucopyranose
3 non-polymer '[(2R,3S,4R,5R)-5-(6-amino-9H-purin-9-yl)-3,4-dihydroxytetrahydrofuran-2-yl]methyl (2R,3S,4S)-2,3,4-trihydroxy-5-[(4aR)-4a-hydroxy-7,8-dimethyl-2,4-dioxo-3,4,4a,5-tetrahydrobenzo[g]pteridin-10(2H)-yl]pentyl dihydrogen diphosphate (non-preferred name)'
4 non-polymer 2-acetamido-2-deoxy-beta-D-glucopyranose
5 non-polymer 'PHOSPHATE ION'
6 water water
#
_entity_poly.entity_id   1
_entity_poly.type   'polypeptide(L)'
_entity_poly.pdbx_seq_one_letter_code
;MLPRVTKLNSRLLSLALLGIQIARGAITYQHPDDLPSGVDYDFIVAGGGTAGLVVASRLSENSNWKVLVIEAGPSNKDAF
VTRVPGLASTLGAGSPIDWNYTTIPQDGLDGRSLDYPRAKILGGCSTHNGMVYTRGSKDDWNSWAGIIGDQGLGWDSILP
AIKKAEKFTQDFTDQSVKGHIDPSVHGFDGKLSVSAAYSNISFNDLLFETTKELNAEFPFKLDMNDGKPIGLGWTQYTID
NHAERSSSATSYLESTGDNVHVLVNTLVTRVLSASGNGTDFRKVEFAVDANSPKKQLEAKKEVIVAGGVIASPQILMNSG
IGERKVLQAVGIDTLIDNPSVGKNLSDQGATSVMFDTTLPSTDFDVDAALTEWTNSHTGPLARGARLNHLTFVRLPDDKL
NGQDPSSGKNSPHIEFQFAQITPQVPTLGVPKQAPLPAANSYRLLLQLAVVNLYSISRGSISLSDNNPFTYPLIDLNMFK
EDIDIAILREGIRSAGRMFSSKAFKNSVNKFVYPPADATSDEDLDAFLRSSTFSYVHGVGTLSMSPKGASWGVVNPDFKV
KGTSGLRVVDASVIPHAPAAHTQLPVYAFAEYASALIAKSYN
;
_entity_poly.pdbx_strand_id   A
#
loop_
_chem_comp.id
_chem_comp.type
_chem_comp.name
_chem_comp.formula
FED non-polymer '[(2R,3S,4R,5R)-5-(6-amino-9H-purin-9-yl)-3,4-dihydroxytetrahydrofuran-2-yl]methyl (2R,3S,4S)-2,3,4-trihydroxy-5-[(4aR)-4a-hydroxy-7,8-dimethyl-2,4-dioxo-3,4,4a,5-tetrahydrobenzo[g]pteridin-10(2H)-yl]pentyl dihydrogen diphosphate (non-preferred name)' 'C27 H35 N9 O16 P2'
NAG D-saccharide, beta linking 2-acetamido-2-deoxy-beta-D-glucopyranose 'C8 H15 N O6'
PO4 non-polymer 'PHOSPHATE ION' 'O4 P -3'
#
# COMPACT_ATOMS: atom_id res chain seq x y z
N ALA A 26 20.39 -5.84 13.32
CA ALA A 26 19.37 -6.42 14.25
C ALA A 26 19.64 -7.89 14.45
N ILE A 27 19.22 -8.38 15.59
CA ILE A 27 19.22 -9.78 15.90
C ILE A 27 17.79 -10.25 15.84
N THR A 28 17.57 -11.33 15.09
CA THR A 28 16.23 -11.91 14.91
C THR A 28 16.11 -13.18 15.74
N TYR A 29 14.96 -13.30 16.42
CA TYR A 29 14.64 -14.40 17.33
C TYR A 29 13.38 -15.06 16.81
N GLN A 30 13.39 -16.38 16.72
CA GLN A 30 12.29 -17.07 16.13
C GLN A 30 11.14 -17.32 17.05
N HIS A 31 11.43 -17.37 18.35
CA HIS A 31 10.41 -17.68 19.33
C HIS A 31 10.68 -16.83 20.56
N PRO A 32 9.61 -16.42 21.28
CA PRO A 32 9.82 -15.63 22.54
C PRO A 32 10.81 -16.21 23.56
N ASP A 33 10.87 -17.52 23.69
CA ASP A 33 11.80 -18.12 24.64
C ASP A 33 13.24 -17.91 24.24
N ASP A 34 13.49 -17.46 23.00
CA ASP A 34 14.87 -17.24 22.56
C ASP A 34 15.38 -15.88 22.97
N LEU A 35 14.47 -14.98 23.39
CA LEU A 35 14.86 -13.63 23.76
C LEU A 35 15.78 -13.65 24.96
N PRO A 36 16.74 -12.73 25.00
CA PRO A 36 17.69 -12.71 26.09
C PRO A 36 17.03 -12.18 27.37
N SER A 37 17.35 -12.80 28.51
CA SER A 37 16.83 -12.40 29.80
C SER A 37 17.43 -11.09 30.27
N GLY A 38 16.65 -10.33 31.01
CA GLY A 38 17.16 -9.12 31.68
C GLY A 38 17.30 -7.89 30.80
N VAL A 39 16.86 -7.98 29.54
CA VAL A 39 16.88 -6.84 28.64
C VAL A 39 15.58 -6.07 28.81
N ASP A 40 15.69 -4.75 29.04
CA ASP A 40 14.51 -3.87 29.08
C ASP A 40 14.55 -3.01 27.84
N TYR A 41 13.44 -2.92 27.12
CA TYR A 41 13.42 -2.23 25.83
C TYR A 41 12.84 -0.86 26.01
N ASP A 42 13.43 0.12 25.36
CA ASP A 42 12.93 1.47 25.40
C ASP A 42 11.66 1.56 24.60
N PHE A 43 11.66 0.94 23.43
CA PHE A 43 10.51 0.95 22.53
C PHE A 43 10.21 -0.46 22.15
N ILE A 44 8.91 -0.76 22.06
CA ILE A 44 8.45 -1.98 21.49
C ILE A 44 7.53 -1.62 20.32
N VAL A 45 7.88 -2.16 19.15
CA VAL A 45 7.11 -1.92 17.95
C VAL A 45 6.29 -3.18 17.64
N ALA A 46 4.98 -3.04 17.65
CA ALA A 46 4.05 -4.12 17.31
C ALA A 46 3.76 -4.07 15.82
N GLY A 47 4.36 -5.00 15.05
CA GLY A 47 4.16 -4.98 13.55
C GLY A 47 5.50 -4.61 12.99
N GLY A 48 6.23 -5.59 12.47
CA GLY A 48 7.47 -5.39 11.76
C GLY A 48 7.28 -5.17 10.30
N GLY A 49 6.43 -4.21 9.94
CA GLY A 49 6.06 -3.97 8.56
C GLY A 49 6.79 -2.83 7.91
N THR A 50 6.12 -2.21 6.93
CA THR A 50 6.71 -1.09 6.25
C THR A 50 7.13 0.02 7.17
N ALA A 51 6.16 0.56 7.94
CA ALA A 51 6.40 1.64 8.87
C ALA A 51 7.18 1.14 10.11
N GLY A 52 6.80 -0.02 10.60
CA GLY A 52 7.36 -0.55 11.85
C GLY A 52 8.87 -0.69 11.82
N LEU A 53 9.40 -1.13 10.67
CA LEU A 53 10.83 -1.29 10.54
C LEU A 53 11.51 0.05 10.33
N VAL A 54 10.83 1.06 9.75
CA VAL A 54 11.40 2.38 9.68
C VAL A 54 11.56 2.89 11.12
N VAL A 55 10.52 2.78 11.92
CA VAL A 55 10.55 3.34 13.27
C VAL A 55 11.61 2.63 14.10
N ALA A 56 11.60 1.31 14.08
CA ALA A 56 12.55 0.56 14.88
C ALA A 56 13.99 0.91 14.48
N SER A 57 14.21 1.02 13.18
CA SER A 57 15.54 1.23 12.69
C SER A 57 16.03 2.63 12.96
N ARG A 58 15.15 3.64 12.79
CA ARG A 58 15.51 5.00 13.06
C ARG A 58 15.73 5.23 14.57
N LEU A 59 14.84 4.73 15.42
CA LEU A 59 14.98 4.99 16.84
C LEU A 59 16.27 4.37 17.37
N SER A 60 16.66 3.24 16.78
CA SER A 60 17.84 2.49 17.18
C SER A 60 19.15 3.21 16.84
N GLU A 61 19.07 4.32 16.10
CA GLU A 61 20.25 5.11 15.80
C GLU A 61 20.91 5.66 17.06
N ASN A 62 20.09 5.77 18.11
CA ASN A 62 20.58 6.03 19.42
C ASN A 62 21.06 4.73 20.05
N SER A 63 22.39 4.56 20.10
CA SER A 63 23.03 3.40 20.66
C SER A 63 22.65 3.07 22.10
N ASN A 64 22.11 4.04 22.83
CA ASN A 64 21.70 3.80 24.21
C ASN A 64 20.30 3.23 24.31
N TRP A 65 19.58 3.20 23.20
CA TRP A 65 18.23 2.66 23.22
C TRP A 65 18.21 1.24 22.77
N LYS A 66 17.27 0.47 23.32
CA LYS A 66 17.06 -0.89 22.89
C LYS A 66 15.62 -0.96 22.31
N VAL A 67 15.49 -1.61 21.18
CA VAL A 67 14.17 -1.69 20.48
C VAL A 67 13.86 -3.12 20.18
N LEU A 68 12.63 -3.53 20.58
CA LEU A 68 12.07 -4.82 20.25
C LEU A 68 10.98 -4.62 19.22
N VAL A 69 11.07 -5.36 18.13
CA VAL A 69 10.00 -5.46 17.12
C VAL A 69 9.35 -6.81 17.30
N ILE A 70 8.01 -6.80 17.37
CA ILE A 70 7.27 -8.08 17.41
C ILE A 70 6.46 -8.22 16.13
N GLU A 71 6.78 -9.26 15.37
CA GLU A 71 6.16 -9.44 14.04
C GLU A 71 5.49 -10.78 13.96
N ALA A 72 4.25 -10.77 13.51
CA ALA A 72 3.45 -11.97 13.40
C ALA A 72 4.00 -13.03 12.42
N GLY A 73 4.53 -12.57 11.31
CA GLY A 73 5.05 -13.47 10.28
C GLY A 73 6.49 -13.87 10.52
N PRO A 74 7.04 -14.69 9.61
CA PRO A 74 8.44 -15.07 9.70
C PRO A 74 9.37 -13.97 9.23
N SER A 75 10.67 -14.19 9.42
CA SER A 75 11.66 -13.33 8.78
C SER A 75 11.55 -13.37 7.25
N ASN A 76 11.95 -12.29 6.61
CA ASN A 76 11.99 -12.16 5.17
C ASN A 76 13.21 -12.93 4.63
N LYS A 77 14.24 -13.08 5.48
CA LYS A 77 15.46 -13.84 5.16
C LYS A 77 15.08 -15.20 4.53
N ASP A 78 15.80 -15.56 3.48
CA ASP A 78 15.50 -16.80 2.74
C ASP A 78 13.99 -16.98 2.36
N ALA A 79 13.20 -15.88 2.35
CA ALA A 79 11.83 -15.93 1.82
C ALA A 79 12.02 -15.62 0.34
N PHE A 80 12.54 -16.63 -0.35
CA PHE A 80 13.19 -16.45 -1.65
C PHE A 80 12.35 -15.68 -2.67
N VAL A 81 11.09 -16.04 -2.77
CA VAL A 81 10.25 -15.52 -3.83
C VAL A 81 10.07 -14.03 -3.63
N THR A 82 10.19 -13.58 -2.39
CA THR A 82 10.03 -12.15 -2.07
C THR A 82 11.17 -11.29 -2.56
N ARG A 83 12.32 -11.89 -2.83
CA ARG A 83 13.46 -11.15 -3.34
C ARG A 83 13.27 -10.77 -4.81
N VAL A 84 12.52 -11.58 -5.55
CA VAL A 84 12.51 -11.53 -7.02
C VAL A 84 11.43 -10.55 -7.45
N PRO A 85 11.82 -9.40 -8.00
CA PRO A 85 10.76 -8.39 -8.31
C PRO A 85 9.62 -8.99 -9.20
N GLY A 86 9.94 -9.74 -10.24
CA GLY A 86 8.91 -10.21 -11.15
C GLY A 86 8.01 -11.31 -10.63
N LEU A 87 8.30 -11.84 -9.45
CA LEU A 87 7.45 -12.79 -8.82
C LEU A 87 6.43 -12.15 -7.90
N ALA A 88 6.47 -10.84 -7.77
CA ALA A 88 5.54 -10.16 -6.87
C ALA A 88 4.10 -10.55 -7.12
N SER A 89 3.73 -10.67 -8.40
CA SER A 89 2.34 -10.97 -8.77
C SER A 89 1.83 -12.33 -8.28
N THR A 90 2.75 -13.21 -7.88
CA THR A 90 2.42 -14.45 -7.27
C THR A 90 2.19 -14.38 -5.75
N LEU A 91 2.33 -13.21 -5.12
CA LEU A 91 2.32 -13.10 -3.65
C LEU A 91 1.08 -12.57 -2.89
N GLY A 92 -0.01 -12.34 -3.59
CA GLY A 92 -1.21 -11.79 -2.97
C GLY A 92 -2.09 -12.82 -2.31
N ALA A 93 -3.38 -12.68 -2.54
CA ALA A 93 -4.35 -13.53 -1.89
C ALA A 93 -4.01 -14.98 -2.19
N GLY A 94 -3.97 -15.81 -1.14
CA GLY A 94 -3.80 -17.28 -1.30
C GLY A 94 -2.37 -17.73 -1.25
N SER A 95 -1.45 -16.78 -1.16
CA SER A 95 -0.03 -17.07 -1.20
C SER A 95 0.41 -17.55 0.18
N PRO A 96 1.56 -18.24 0.27
CA PRO A 96 2.02 -18.72 1.56
C PRO A 96 2.27 -17.67 2.63
N ILE A 97 2.49 -16.44 2.22
CA ILE A 97 2.79 -15.32 3.11
C ILE A 97 1.63 -14.35 3.31
N ASP A 98 0.46 -14.64 2.74
CA ASP A 98 -0.67 -13.73 2.89
C ASP A 98 -1.43 -13.96 4.18
N TRP A 99 -2.03 -12.89 4.70
CA TRP A 99 -2.95 -13.00 5.87
C TRP A 99 -4.21 -13.73 5.53
N ASN A 100 -4.62 -13.68 4.28
CA ASN A 100 -5.86 -14.28 3.74
C ASN A 100 -7.08 -13.61 4.33
N TYR A 101 -6.96 -12.28 4.49
CA TYR A 101 -8.10 -11.42 4.86
C TYR A 101 -9.08 -11.35 3.70
N THR A 102 -10.35 -11.44 4.05
CA THR A 102 -11.40 -11.15 3.09
C THR A 102 -12.39 -10.21 3.72
N THR A 103 -13.17 -9.54 2.90
CA THR A 103 -14.14 -8.61 3.41
C THR A 103 -15.46 -9.28 3.68
N ILE A 104 -16.30 -8.58 4.43
CA ILE A 104 -17.68 -8.91 4.53
C ILE A 104 -18.29 -8.75 3.14
N PRO A 105 -19.44 -9.38 2.91
CA PRO A 105 -20.13 -9.13 1.65
C PRO A 105 -20.31 -7.67 1.38
N GLN A 106 -19.97 -7.27 0.15
CA GLN A 106 -20.03 -5.89 -0.28
C GLN A 106 -21.26 -5.69 -1.10
N ASP A 107 -22.26 -5.04 -0.49
CA ASP A 107 -23.56 -5.03 -1.10
C ASP A 107 -23.60 -4.17 -2.34
N GLY A 108 -22.58 -3.33 -2.51
CA GLY A 108 -22.41 -2.51 -3.74
C GLY A 108 -21.75 -3.24 -4.89
N LEU A 109 -21.29 -4.45 -4.60
CA LEU A 109 -20.61 -5.32 -5.55
C LEU A 109 -21.27 -6.67 -5.59
N ASP A 110 -22.56 -6.66 -5.84
CA ASP A 110 -23.36 -7.88 -5.95
C ASP A 110 -23.18 -8.83 -4.73
N GLY A 111 -22.94 -8.32 -3.53
CA GLY A 111 -22.75 -9.15 -2.34
C GLY A 111 -21.42 -9.92 -2.28
N ARG A 112 -20.47 -9.62 -3.16
CA ARG A 112 -19.20 -10.33 -3.20
C ARG A 112 -18.35 -10.04 -1.98
N SER A 113 -17.63 -11.08 -1.53
CA SER A 113 -16.56 -10.89 -0.55
C SER A 113 -15.24 -10.71 -1.29
N LEU A 114 -14.54 -9.62 -1.01
CA LEU A 114 -13.30 -9.30 -1.75
C LEU A 114 -12.11 -9.81 -0.94
N ASP A 115 -11.06 -10.23 -1.62
CA ASP A 115 -9.80 -10.40 -0.92
C ASP A 115 -9.23 -9.06 -0.52
N TYR A 116 -8.44 -9.06 0.53
CA TYR A 116 -7.71 -7.87 0.96
C TYR A 116 -6.29 -8.29 1.24
N PRO A 117 -5.51 -8.52 0.17
CA PRO A 117 -4.20 -9.12 0.35
C PRO A 117 -3.31 -8.23 1.22
N ARG A 118 -2.68 -8.85 2.21
CA ARG A 118 -1.80 -8.20 3.13
C ARG A 118 -0.73 -9.24 3.45
N ALA A 119 0.51 -8.79 3.63
CA ALA A 119 1.63 -9.70 3.86
C ALA A 119 1.75 -9.98 5.35
N LYS A 120 2.02 -11.25 5.67
CA LYS A 120 2.34 -11.68 7.08
C LYS A 120 3.78 -12.14 7.11
N ILE A 121 4.69 -11.21 7.32
CA ILE A 121 6.14 -11.41 7.08
C ILE A 121 6.85 -10.15 7.46
N LEU A 122 8.07 -10.29 7.95
CA LEU A 122 8.90 -9.14 8.25
C LEU A 122 9.07 -8.26 6.96
N GLY A 123 8.92 -6.97 7.17
CA GLY A 123 8.77 -5.97 6.12
C GLY A 123 7.35 -5.71 5.72
N GLY A 124 6.42 -6.59 6.13
CA GLY A 124 5.00 -6.42 5.84
C GLY A 124 4.84 -6.24 4.38
N CYS A 125 3.99 -5.33 4.02
CA CYS A 125 3.55 -5.23 2.66
C CYS A 125 4.69 -4.79 1.76
N SER A 126 5.74 -4.18 2.29
CA SER A 126 6.88 -3.85 1.47
C SER A 126 7.66 -5.09 1.01
N THR A 127 7.44 -6.24 1.65
CA THR A 127 8.00 -7.49 1.23
C THR A 127 7.22 -8.20 0.14
N HIS A 128 5.98 -7.80 -0.08
CA HIS A 128 5.13 -8.52 -1.03
C HIS A 128 4.51 -7.70 -2.14
N ASN A 129 4.62 -6.38 -2.06
CA ASN A 129 3.95 -5.49 -2.95
C ASN A 129 4.54 -5.40 -4.35
N GLY A 130 3.87 -4.63 -5.21
CA GLY A 130 4.30 -4.45 -6.60
C GLY A 130 5.44 -3.43 -6.79
N MET A 131 6.02 -3.00 -5.69
CA MET A 131 7.21 -2.17 -5.67
C MET A 131 7.02 -0.74 -6.24
N VAL A 132 5.82 -0.36 -6.64
CA VAL A 132 5.66 0.93 -7.22
C VAL A 132 5.98 2.01 -6.24
N TYR A 133 6.79 2.97 -6.70
CA TYR A 133 7.22 4.13 -5.91
C TYR A 133 6.54 5.34 -6.45
N THR A 134 5.48 5.77 -5.78
CA THR A 134 4.72 6.96 -6.10
C THR A 134 4.45 7.75 -4.85
N ARG A 135 4.75 9.06 -4.90
CA ARG A 135 4.61 9.93 -3.75
C ARG A 135 3.23 10.53 -3.56
N GLY A 136 2.42 10.58 -4.62
CA GLY A 136 1.16 11.25 -4.57
C GLY A 136 1.36 12.66 -5.07
N SER A 137 0.25 13.35 -5.31
CA SER A 137 0.39 14.72 -5.75
C SER A 137 0.73 15.61 -4.54
N LYS A 138 1.24 16.77 -4.84
CA LYS A 138 1.49 17.77 -3.84
C LYS A 138 0.22 18.14 -3.11
N ASP A 139 -0.90 18.06 -3.80
CA ASP A 139 -2.17 18.38 -3.16
C ASP A 139 -2.48 17.37 -2.05
N ASP A 140 -2.10 16.11 -2.26
CA ASP A 140 -2.37 15.09 -1.24
C ASP A 140 -1.68 15.45 0.06
N TRP A 141 -0.42 15.76 -0.05
CA TRP A 141 0.39 16.15 1.15
C TRP A 141 -0.12 17.42 1.75
N ASN A 142 -0.48 18.36 0.90
CA ASN A 142 -1.03 19.61 1.41
C ASN A 142 -2.41 19.40 2.04
N SER A 143 -3.20 18.49 1.49
CA SER A 143 -4.51 18.12 2.02
C SER A 143 -4.36 17.54 3.41
N TRP A 144 -3.42 16.61 3.55
CA TRP A 144 -3.14 15.96 4.84
C TRP A 144 -2.63 16.99 5.83
N ALA A 145 -1.69 17.81 5.37
CA ALA A 145 -1.14 18.89 6.23
C ALA A 145 -2.28 19.76 6.79
N GLY A 146 -3.29 20.09 5.98
CA GLY A 146 -4.41 20.93 6.38
C GLY A 146 -5.34 20.27 7.36
N ILE A 147 -5.62 19.00 7.13
CA ILE A 147 -6.51 18.25 7.98
C ILE A 147 -5.86 18.08 9.33
N ILE A 148 -4.59 17.74 9.34
CA ILE A 148 -3.87 17.38 10.56
C ILE A 148 -3.45 18.66 11.31
N GLY A 149 -3.26 19.75 10.58
CA GLY A 149 -2.84 21.03 11.17
C GLY A 149 -1.36 21.10 11.33
N ASP A 150 -0.61 20.32 10.53
CA ASP A 150 0.85 20.27 10.63
C ASP A 150 1.43 20.45 9.25
N GLN A 151 1.95 21.66 9.04
CA GLN A 151 2.60 22.02 7.80
C GLN A 151 3.91 21.31 7.50
N GLY A 152 4.44 20.59 8.48
CA GLY A 152 5.63 19.78 8.28
C GLY A 152 5.33 18.65 7.30
N LEU A 153 4.04 18.34 7.15
CA LEU A 153 3.62 17.26 6.25
C LEU A 153 3.22 17.81 4.90
N GLY A 154 3.18 19.13 4.76
CA GLY A 154 2.85 19.73 3.49
C GLY A 154 3.96 19.48 2.50
N TRP A 155 3.65 19.56 1.23
CA TRP A 155 4.59 19.16 0.20
C TRP A 155 5.93 19.84 0.26
N ASP A 156 5.95 21.15 0.43
CA ASP A 156 7.23 21.81 0.41
C ASP A 156 8.10 21.40 1.56
N SER A 157 7.47 21.06 2.68
CA SER A 157 8.18 20.68 3.88
C SER A 157 8.59 19.23 3.89
N ILE A 158 7.77 18.38 3.30
CA ILE A 158 8.01 16.94 3.33
C ILE A 158 8.88 16.45 2.19
N LEU A 159 8.82 17.08 1.04
CA LEU A 159 9.65 16.65 -0.10
C LEU A 159 11.15 16.46 0.20
N PRO A 160 11.77 17.44 0.91
CA PRO A 160 13.18 17.21 1.25
C PRO A 160 13.42 15.99 2.09
N ALA A 161 12.50 15.66 2.99
CA ALA A 161 12.62 14.44 3.80
C ALA A 161 12.45 13.17 2.99
N ILE A 162 11.51 13.19 2.05
CA ILE A 162 11.32 12.08 1.11
C ILE A 162 12.58 11.84 0.31
N LYS A 163 13.20 12.89 -0.23
CA LYS A 163 14.44 12.75 -0.98
C LYS A 163 15.57 12.21 -0.06
N LYS A 164 15.65 12.73 1.15
CA LYS A 164 16.71 12.26 2.08
C LYS A 164 16.61 10.77 2.38
N ALA A 165 15.37 10.28 2.37
CA ALA A 165 15.09 8.86 2.68
C ALA A 165 15.30 7.94 1.44
N GLU A 166 15.40 8.53 0.26
CA GLU A 166 15.48 7.80 -1.00
C GLU A 166 16.90 7.53 -1.46
N LYS A 167 17.11 6.37 -2.06
CA LYS A 167 18.35 6.05 -2.72
C LYS A 167 18.05 5.61 -4.15
N PHE A 168 17.82 6.56 -5.05
CA PHE A 168 17.60 6.18 -6.42
C PHE A 168 18.92 5.64 -6.97
N THR A 169 18.83 4.55 -7.70
CA THR A 169 19.99 3.86 -8.23
C THR A 169 19.79 3.42 -9.68
N GLN A 170 20.88 3.38 -10.42
CA GLN A 170 20.89 2.61 -11.64
C GLN A 170 20.49 1.16 -11.32
N ASP A 171 19.82 0.56 -12.26
CA ASP A 171 19.50 -0.85 -12.14
C ASP A 171 20.78 -1.71 -12.30
N PHE A 172 20.62 -3.00 -12.03
CA PHE A 172 21.72 -3.91 -12.15
C PHE A 172 22.45 -3.84 -13.50
N THR A 173 21.72 -3.68 -14.60
CA THR A 173 22.35 -3.65 -15.93
C THR A 173 22.81 -2.24 -16.32
N ASP A 174 22.59 -1.24 -15.45
CA ASP A 174 22.94 0.14 -15.74
C ASP A 174 22.29 0.70 -16.97
N GLN A 175 21.02 0.43 -17.12
CA GLN A 175 20.24 0.93 -18.22
C GLN A 175 20.10 2.47 -18.10
N SER A 176 20.14 3.18 -19.21
CA SER A 176 19.96 4.60 -19.16
C SER A 176 18.51 4.89 -18.78
N VAL A 177 18.32 5.73 -17.77
CA VAL A 177 16.98 6.20 -17.46
C VAL A 177 16.81 7.70 -17.80
N LYS A 178 17.72 8.22 -18.60
CA LYS A 178 17.60 9.56 -19.16
C LYS A 178 16.28 9.68 -19.88
N GLY A 179 15.49 10.70 -19.53
CA GLY A 179 14.21 10.89 -20.14
C GLY A 179 13.10 10.03 -19.54
N HIS A 180 13.44 9.18 -18.58
CA HIS A 180 12.47 8.35 -17.85
C HIS A 180 12.11 8.90 -16.48
N ILE A 181 13.02 9.63 -15.85
CA ILE A 181 12.86 10.23 -14.53
C ILE A 181 13.48 11.60 -14.62
N ASP A 182 13.24 12.41 -13.62
CA ASP A 182 13.96 13.66 -13.47
C ASP A 182 14.79 13.54 -12.21
N PRO A 183 16.12 13.40 -12.37
CA PRO A 183 16.98 13.23 -11.20
C PRO A 183 16.86 14.38 -10.19
N SER A 184 16.37 15.50 -10.67
CA SER A 184 16.08 16.66 -9.84
C SER A 184 15.22 16.33 -8.60
N VAL A 185 14.30 15.36 -8.71
CA VAL A 185 13.31 15.12 -7.64
C VAL A 185 13.67 13.87 -6.81
N HIS A 186 14.86 13.30 -7.07
CA HIS A 186 15.33 12.11 -6.39
C HIS A 186 16.46 12.37 -5.43
N GLY A 187 16.42 11.65 -4.33
CA GLY A 187 17.54 11.46 -3.43
C GLY A 187 18.35 10.27 -3.87
N PHE A 188 19.66 10.37 -3.67
CA PHE A 188 20.60 9.32 -4.02
C PHE A 188 21.38 8.64 -2.88
N ASP A 189 21.16 9.06 -1.66
CA ASP A 189 21.99 8.68 -0.51
C ASP A 189 21.22 8.11 0.64
N GLY A 190 19.95 7.83 0.43
CA GLY A 190 19.07 7.44 1.51
C GLY A 190 19.02 5.94 1.72
N LYS A 191 17.88 5.50 2.25
CA LYS A 191 17.69 4.15 2.73
C LYS A 191 17.03 3.24 1.73
N LEU A 192 15.98 3.74 1.07
CA LEU A 192 15.07 2.93 0.27
C LEU A 192 15.53 3.02 -1.17
N SER A 193 15.83 1.89 -1.79
CA SER A 193 16.28 1.90 -3.16
C SER A 193 15.14 2.08 -4.10
N VAL A 194 15.37 2.92 -5.09
CA VAL A 194 14.41 3.12 -6.17
C VAL A 194 15.17 3.03 -7.51
N SER A 195 14.57 2.34 -8.48
CA SER A 195 15.17 2.18 -9.80
C SER A 195 14.03 2.06 -10.81
N ALA A 196 14.39 2.08 -12.06
CA ALA A 196 13.44 2.18 -13.15
C ALA A 196 13.89 1.35 -14.37
N ALA A 197 14.29 0.10 -14.15
CA ALA A 197 14.57 -0.79 -15.30
C ALA A 197 13.29 -1.08 -16.10
N TYR A 198 13.47 -1.15 -17.41
CA TYR A 198 12.40 -1.28 -18.34
C TYR A 198 12.75 -2.19 -19.49
N SER A 199 11.73 -2.88 -19.98
CA SER A 199 11.87 -3.67 -21.19
C SER A 199 11.81 -2.77 -22.41
N ASN A 200 12.34 -3.29 -23.51
CA ASN A 200 12.37 -2.57 -24.78
C ASN A 200 11.32 -3.24 -25.66
N ILE A 201 10.13 -2.67 -25.63
CA ILE A 201 8.98 -3.19 -26.37
C ILE A 201 8.30 -2.09 -27.13
N SER A 202 7.61 -2.49 -28.20
CA SER A 202 6.92 -1.49 -29.06
C SER A 202 5.91 -0.66 -28.29
N PHE A 203 5.27 -1.28 -27.31
CA PHE A 203 4.24 -0.62 -26.54
C PHE A 203 4.74 0.72 -25.98
N ASN A 204 6.00 0.72 -25.60
CA ASN A 204 6.63 1.93 -25.06
C ASN A 204 6.49 3.12 -26.01
N ASP A 205 6.84 2.90 -27.27
CA ASP A 205 6.81 3.92 -28.26
C ASP A 205 5.37 4.30 -28.63
N LEU A 206 4.45 3.33 -28.68
CA LEU A 206 3.05 3.62 -29.02
C LEU A 206 2.44 4.46 -27.94
N LEU A 207 2.75 4.17 -26.67
CA LEU A 207 2.35 5.05 -25.59
C LEU A 207 2.90 6.47 -25.76
N PHE A 208 4.21 6.59 -26.04
CA PHE A 208 4.79 7.90 -26.17
C PHE A 208 4.17 8.68 -27.33
N GLU A 209 3.93 8.02 -28.45
CA GLU A 209 3.32 8.74 -29.58
C GLU A 209 1.90 9.13 -29.29
N THR A 210 1.22 8.38 -28.43
CA THR A 210 -0.14 8.73 -28.06
C THR A 210 -0.14 10.03 -27.25
N THR A 211 0.90 10.24 -26.45
CA THR A 211 1.02 11.51 -25.74
C THR A 211 1.15 12.71 -26.65
N LYS A 212 1.65 12.54 -27.85
CA LYS A 212 1.72 13.65 -28.80
C LYS A 212 0.39 13.89 -29.50
N GLU A 213 -0.36 12.83 -29.72
CA GLU A 213 -1.66 12.90 -30.36
C GLU A 213 -2.73 13.42 -29.40
N LEU A 214 -2.74 12.89 -28.18
CA LEU A 214 -3.83 13.14 -27.25
C LEU A 214 -3.26 13.85 -26.03
N ASN A 215 -2.60 14.98 -26.26
CA ASN A 215 -1.73 15.55 -25.24
C ASN A 215 -2.54 16.21 -24.12
N ALA A 216 -3.75 16.63 -24.48
CA ALA A 216 -4.63 17.23 -23.51
C ALA A 216 -4.95 16.29 -22.41
N GLU A 217 -5.29 15.04 -22.77
CA GLU A 217 -5.70 14.07 -21.73
C GLU A 217 -4.58 13.23 -21.24
N PHE A 218 -3.62 12.94 -22.10
CA PHE A 218 -2.52 12.02 -21.78
C PHE A 218 -1.17 12.66 -22.09
N PRO A 219 -0.83 13.75 -21.41
CA PRO A 219 0.48 14.31 -21.67
C PRO A 219 1.60 13.41 -21.14
N PHE A 220 2.79 13.53 -21.74
CA PHE A 220 3.95 12.89 -21.17
C PHE A 220 4.36 13.46 -19.82
N LYS A 221 4.66 12.60 -18.89
CA LYS A 221 5.08 13.07 -17.56
C LYS A 221 6.52 12.57 -17.27
N LEU A 222 7.49 13.49 -17.26
CA LEU A 222 8.89 13.06 -17.02
C LEU A 222 9.04 12.38 -15.69
N ASP A 223 8.49 12.97 -14.62
CA ASP A 223 8.63 12.38 -13.32
C ASP A 223 7.39 12.58 -12.48
N MET A 224 6.58 11.54 -12.40
CA MET A 224 5.36 11.55 -11.69
C MET A 224 5.55 11.75 -10.18
N ASN A 225 6.79 11.73 -9.69
CA ASN A 225 7.12 12.02 -8.29
C ASN A 225 7.58 13.44 -8.03
N ASP A 226 7.27 14.33 -8.97
CA ASP A 226 7.58 15.76 -8.84
C ASP A 226 6.48 16.58 -8.19
N GLY A 227 5.43 15.91 -7.76
CA GLY A 227 4.31 16.56 -7.09
C GLY A 227 3.10 16.74 -7.97
N LYS A 228 3.29 16.56 -9.29
CA LYS A 228 2.25 16.79 -10.25
C LYS A 228 2.17 15.53 -11.15
N PRO A 229 1.53 14.47 -10.70
CA PRO A 229 1.70 13.19 -11.42
C PRO A 229 0.91 13.03 -12.72
N ILE A 230 0.04 13.95 -13.07
CA ILE A 230 -0.83 13.81 -14.26
C ILE A 230 -0.04 13.53 -15.54
N GLY A 231 -0.42 12.46 -16.21
CA GLY A 231 0.20 12.11 -17.48
C GLY A 231 0.68 10.65 -17.49
N LEU A 232 1.43 10.37 -18.55
CA LEU A 232 1.97 9.02 -18.81
C LEU A 232 3.40 9.09 -18.35
N GLY A 233 3.77 8.28 -17.36
CA GLY A 233 5.13 8.26 -16.80
C GLY A 233 5.69 6.84 -16.79
N TRP A 234 7.01 6.73 -16.86
CA TRP A 234 7.70 5.49 -16.66
C TRP A 234 7.71 5.14 -15.19
N THR A 235 7.34 3.94 -14.87
CA THR A 235 7.18 3.52 -13.51
C THR A 235 8.55 3.42 -12.83
N GLN A 236 8.53 3.78 -11.56
CA GLN A 236 9.68 3.67 -10.64
C GLN A 236 9.35 2.67 -9.59
N TYR A 237 10.37 1.90 -9.20
CA TYR A 237 10.13 0.76 -8.32
C TYR A 237 11.13 0.70 -7.19
N THR A 238 10.68 0.12 -6.09
CA THR A 238 11.56 -0.18 -4.98
C THR A 238 12.31 -1.49 -5.23
N ILE A 239 13.35 -1.37 -6.05
CA ILE A 239 14.13 -2.47 -6.53
C ILE A 239 15.55 -1.96 -6.43
N ASP A 240 16.45 -2.73 -5.83
CA ASP A 240 17.81 -2.27 -5.66
C ASP A 240 18.71 -2.48 -6.89
N ASN A 241 19.97 -2.09 -6.70
CA ASN A 241 20.99 -2.15 -7.76
C ASN A 241 21.40 -3.56 -8.13
N HIS A 242 20.92 -4.57 -7.41
CA HIS A 242 21.14 -5.98 -7.72
C HIS A 242 19.94 -6.75 -8.21
N ALA A 243 18.93 -5.97 -8.66
CA ALA A 243 17.64 -6.49 -9.16
C ALA A 243 16.93 -7.33 -8.11
N GLU A 244 17.03 -6.91 -6.86
CA GLU A 244 16.24 -7.48 -5.75
C GLU A 244 15.31 -6.48 -5.17
N ARG A 245 14.17 -6.98 -4.68
CA ARG A 245 13.22 -6.11 -4.01
C ARG A 245 13.89 -5.31 -2.91
N SER A 246 13.55 -4.03 -2.84
CA SER A 246 13.94 -3.19 -1.73
C SER A 246 12.69 -3.02 -0.84
N SER A 247 12.77 -3.61 0.35
CA SER A 247 11.69 -3.59 1.35
C SER A 247 12.13 -2.79 2.59
N SER A 248 11.26 -2.65 3.59
CA SER A 248 11.72 -1.95 4.75
C SER A 248 12.72 -2.83 5.51
N ALA A 249 12.65 -4.16 5.34
CA ALA A 249 13.60 -5.04 6.02
C ALA A 249 14.98 -4.91 5.42
N THR A 250 15.05 -4.85 4.09
CA THR A 250 16.31 -4.74 3.39
C THR A 250 16.93 -3.33 3.47
N SER A 251 16.06 -2.31 3.45
CA SER A 251 16.47 -0.90 3.39
C SER A 251 16.80 -0.29 4.74
N TYR A 252 15.97 -0.61 5.74
CA TYR A 252 16.12 -0.09 7.09
C TYR A 252 16.67 -1.08 8.09
N LEU A 253 16.12 -2.28 8.20
CA LEU A 253 16.43 -3.15 9.29
C LEU A 253 17.81 -3.76 9.16
N GLU A 254 18.20 -4.08 7.95
CA GLU A 254 19.39 -4.88 7.72
C GLU A 254 20.62 -4.19 8.33
N SER A 255 20.71 -2.87 8.20
CA SER A 255 21.96 -2.20 8.65
C SER A 255 21.98 -1.83 10.13
N THR A 256 20.95 -2.17 10.87
CA THR A 256 20.89 -1.82 12.24
C THR A 256 21.83 -2.70 13.02
N GLY A 257 22.13 -2.23 14.21
CA GLY A 257 22.94 -2.99 15.14
C GLY A 257 22.17 -3.92 16.06
N ASP A 258 22.92 -4.50 17.00
CA ASP A 258 22.38 -5.46 17.95
C ASP A 258 21.40 -4.85 18.97
N ASN A 259 21.25 -3.53 19.04
CA ASN A 259 20.26 -2.93 19.91
C ASN A 259 18.86 -3.01 19.34
N VAL A 260 18.72 -3.58 18.14
CA VAL A 260 17.42 -3.95 17.60
C VAL A 260 17.27 -5.45 17.68
N HIS A 261 16.23 -5.87 18.41
CA HIS A 261 15.84 -7.28 18.49
C HIS A 261 14.53 -7.46 17.81
N VAL A 262 14.41 -8.52 17.02
CA VAL A 262 13.24 -8.72 16.22
C VAL A 262 12.73 -10.11 16.56
N LEU A 263 11.54 -10.17 17.16
CA LEU A 263 10.90 -11.41 17.46
C LEU A 263 9.84 -11.65 16.39
N VAL A 264 10.02 -12.72 15.62
CA VAL A 264 9.13 -13.09 14.52
C VAL A 264 8.23 -14.21 14.94
N ASN A 265 7.28 -14.57 14.07
CA ASN A 265 6.25 -15.59 14.30
C ASN A 265 5.46 -15.38 15.57
N THR A 266 5.21 -14.13 15.95
CA THR A 266 4.63 -13.83 17.25
C THR A 266 3.58 -12.72 17.13
N LEU A 267 2.38 -12.98 17.66
CA LEU A 267 1.27 -12.04 17.50
C LEU A 267 1.19 -11.13 18.72
N VAL A 268 1.18 -9.81 18.55
CA VAL A 268 0.83 -8.91 19.61
C VAL A 268 -0.70 -8.96 19.78
N THR A 269 -1.14 -9.27 20.98
CA THR A 269 -2.55 -9.49 21.22
C THR A 269 -3.30 -8.25 21.69
N ARG A 270 -2.59 -7.45 22.49
CA ARG A 270 -3.15 -6.27 23.11
C ARG A 270 -2.01 -5.43 23.56
N VAL A 271 -2.32 -4.16 23.76
CA VAL A 271 -1.47 -3.27 24.57
C VAL A 271 -2.20 -3.10 25.88
N LEU A 272 -1.42 -2.89 26.93
CA LEU A 272 -1.90 -2.91 28.32
C LEU A 272 -1.34 -1.75 29.09
N SER A 273 -2.13 -1.28 30.04
CA SER A 273 -1.74 -0.20 30.95
C SER A 273 -0.56 -0.69 31.83
N ALA A 274 0.48 0.14 31.95
CA ALA A 274 1.61 -0.20 32.79
C ALA A 274 1.18 -0.08 34.25
N SER A 275 0.40 0.95 34.56
CA SER A 275 -0.07 1.18 35.95
C SER A 275 -1.26 0.27 36.32
N GLY A 276 -1.96 -0.26 35.33
CA GLY A 276 -3.06 -1.19 35.62
C GLY A 276 -4.47 -0.63 35.71
N ASN A 277 -4.63 0.66 36.07
CA ASN A 277 -5.95 1.35 35.90
C ASN A 277 -5.83 2.62 35.06
N GLY A 278 -4.63 2.91 34.59
CA GLY A 278 -4.37 4.12 33.84
C GLY A 278 -4.49 3.88 32.35
N THR A 279 -4.04 4.87 31.60
CA THR A 279 -4.08 4.81 30.15
C THR A 279 -2.66 5.03 29.63
N ASP A 280 -1.71 4.54 30.40
CA ASP A 280 -0.31 4.53 30.03
C ASP A 280 -0.02 3.17 29.39
N PHE A 281 -0.33 3.06 28.12
CA PHE A 281 -0.31 1.76 27.43
C PHE A 281 1.07 1.43 26.86
N ARG A 282 2.02 1.27 27.76
CA ARG A 282 3.44 0.99 27.50
C ARG A 282 3.75 -0.50 27.64
N LYS A 283 2.74 -1.33 27.92
CA LYS A 283 2.92 -2.76 27.98
C LYS A 283 2.35 -3.42 26.75
N VAL A 284 2.98 -4.51 26.30
CA VAL A 284 2.43 -5.30 25.21
C VAL A 284 2.19 -6.71 25.68
N GLU A 285 1.14 -7.32 25.18
CA GLU A 285 0.92 -8.74 25.39
C GLU A 285 1.11 -9.42 24.05
N PHE A 286 1.64 -10.65 24.05
CA PHE A 286 1.89 -11.35 22.81
C PHE A 286 1.84 -12.84 23.04
N ALA A 287 1.56 -13.55 21.97
CA ALA A 287 1.55 -14.97 22.00
C ALA A 287 1.85 -15.58 20.65
N VAL A 288 2.36 -16.81 20.66
CA VAL A 288 2.74 -17.47 19.37
C VAL A 288 1.52 -18.09 18.67
N ASP A 289 0.52 -18.51 19.40
CA ASP A 289 -0.74 -18.97 18.81
C ASP A 289 -1.88 -18.80 19.81
N ALA A 290 -3.09 -19.18 19.41
CA ALA A 290 -4.28 -19.08 20.25
C ALA A 290 -4.33 -20.09 21.36
N ASN A 291 -3.42 -21.07 21.33
CA ASN A 291 -3.39 -22.08 22.38
C ASN A 291 -2.08 -22.10 23.12
N SER A 292 -1.52 -20.90 23.34
CA SER A 292 -0.19 -20.72 23.94
C SER A 292 -0.26 -19.67 25.02
N PRO A 293 0.73 -19.64 25.91
CA PRO A 293 0.73 -18.64 27.02
C PRO A 293 0.92 -17.22 26.52
N LYS A 294 0.09 -16.31 27.01
CA LYS A 294 0.33 -14.90 26.82
C LYS A 294 1.55 -14.46 27.61
N LYS A 295 2.39 -13.68 26.95
CA LYS A 295 3.55 -13.08 27.56
C LYS A 295 3.36 -11.59 27.51
N GLN A 296 4.07 -10.92 28.44
CA GLN A 296 4.03 -9.50 28.55
C GLN A 296 5.41 -8.87 28.62
N LEU A 297 5.55 -7.74 27.99
CA LEU A 297 6.72 -6.90 28.19
C LEU A 297 6.24 -5.46 28.32
N GLU A 298 7.05 -4.70 29.04
CA GLU A 298 6.82 -3.31 29.31
C GLU A 298 7.93 -2.50 28.65
N ALA A 299 7.55 -1.54 27.81
CA ALA A 299 8.48 -0.63 27.20
C ALA A 299 8.84 0.47 28.19
N LYS A 300 10.10 0.84 28.27
CA LYS A 300 10.45 1.89 29.18
C LYS A 300 9.88 3.26 28.78
N LYS A 301 9.74 3.48 27.47
CA LYS A 301 9.28 4.74 26.91
C LYS A 301 7.90 4.53 26.31
N GLU A 302 7.82 3.83 25.16
CA GLU A 302 6.56 3.71 24.44
C GLU A 302 6.42 2.42 23.70
N VAL A 303 5.14 2.09 23.45
CA VAL A 303 4.76 1.08 22.46
C VAL A 303 4.32 1.83 21.24
N ILE A 304 4.87 1.40 20.13
CA ILE A 304 4.55 1.91 18.81
C ILE A 304 3.77 0.81 18.08
N VAL A 305 2.50 1.07 17.80
CA VAL A 305 1.70 0.10 17.09
C VAL A 305 1.85 0.38 15.61
N ALA A 306 2.17 -0.67 14.84
CA ALA A 306 2.57 -0.51 13.41
C ALA A 306 2.06 -1.71 12.66
N GLY A 307 0.85 -2.10 13.00
CA GLY A 307 0.22 -3.28 12.46
C GLY A 307 -0.48 -3.07 11.15
N GLY A 308 -0.49 -1.84 10.68
CA GLY A 308 -1.13 -1.51 9.44
C GLY A 308 -2.61 -1.22 9.56
N VAL A 309 -3.20 -0.89 8.42
CA VAL A 309 -4.58 -0.41 8.34
C VAL A 309 -5.63 -1.39 8.86
N ILE A 310 -5.36 -2.68 8.76
CA ILE A 310 -6.30 -3.70 9.21
C ILE A 310 -6.03 -4.04 10.65
N ALA A 311 -4.78 -4.39 10.97
CA ALA A 311 -4.45 -4.95 12.28
C ALA A 311 -4.35 -3.93 13.40
N SER A 312 -3.87 -2.72 13.14
CA SER A 312 -3.70 -1.75 14.21
C SER A 312 -5.02 -1.43 14.91
N PRO A 313 -6.08 -1.11 14.16
CA PRO A 313 -7.40 -0.96 14.87
C PRO A 313 -7.85 -2.19 15.66
N GLN A 314 -7.60 -3.39 15.14
CA GLN A 314 -7.91 -4.62 15.84
C GLN A 314 -7.15 -4.72 17.18
N ILE A 315 -5.85 -4.45 17.18
CA ILE A 315 -5.03 -4.47 18.41
C ILE A 315 -5.63 -3.48 19.39
N LEU A 316 -5.94 -2.27 18.93
CA LEU A 316 -6.49 -1.27 19.83
C LEU A 316 -7.85 -1.66 20.36
N MET A 317 -8.75 -2.15 19.51
CA MET A 317 -10.09 -2.58 20.01
C MET A 317 -9.94 -3.72 21.00
N ASN A 318 -9.10 -4.70 20.68
CA ASN A 318 -8.88 -5.83 21.63
C ASN A 318 -8.24 -5.39 22.95
N SER A 319 -7.66 -4.18 22.92
CA SER A 319 -7.06 -3.55 24.12
C SER A 319 -8.06 -2.66 24.89
N GLY A 320 -9.34 -2.62 24.47
CA GLY A 320 -10.26 -1.71 25.13
C GLY A 320 -10.31 -0.28 24.64
N ILE A 321 -9.75 -0.03 23.45
CA ILE A 321 -9.66 1.33 22.91
C ILE A 321 -10.48 1.30 21.63
N GLY A 322 -11.64 1.93 21.67
CA GLY A 322 -12.58 1.79 20.57
C GLY A 322 -13.99 2.18 20.91
N GLU A 323 -14.90 1.86 20.01
CA GLU A 323 -16.29 2.19 20.14
C GLU A 323 -16.94 1.31 21.22
N ARG A 324 -17.32 1.95 22.31
CA ARG A 324 -17.79 1.20 23.48
C ARG A 324 -18.83 0.12 23.16
N LYS A 325 -19.82 0.42 22.34
CA LYS A 325 -20.91 -0.55 22.09
C LYS A 325 -20.41 -1.76 21.34
N VAL A 326 -19.52 -1.53 20.38
CA VAL A 326 -18.92 -2.57 19.57
C VAL A 326 -18.11 -3.49 20.49
N LEU A 327 -17.30 -2.89 21.37
CA LEU A 327 -16.44 -3.62 22.27
C LEU A 327 -17.26 -4.39 23.29
N GLN A 328 -18.26 -3.72 23.87
CA GLN A 328 -19.18 -4.36 24.81
C GLN A 328 -19.81 -5.62 24.24
N ALA A 329 -20.23 -5.54 22.99
CA ALA A 329 -20.99 -6.61 22.38
C ALA A 329 -20.15 -7.86 22.14
N VAL A 330 -18.83 -7.71 22.10
CA VAL A 330 -17.92 -8.88 22.03
C VAL A 330 -17.17 -9.17 23.34
N GLY A 331 -17.60 -8.53 24.42
CA GLY A 331 -17.14 -8.86 25.77
C GLY A 331 -15.89 -8.14 26.20
N ILE A 332 -15.58 -7.00 25.59
CA ILE A 332 -14.32 -6.28 25.93
C ILE A 332 -14.66 -5.09 26.80
N ASP A 333 -13.94 -4.88 27.89
CA ASP A 333 -14.17 -3.70 28.75
C ASP A 333 -13.57 -2.49 28.09
N THR A 334 -14.37 -1.44 27.91
CA THR A 334 -13.89 -0.24 27.22
C THR A 334 -13.05 0.57 28.16
N LEU A 335 -11.79 0.78 27.80
CA LEU A 335 -10.88 1.60 28.59
C LEU A 335 -10.81 2.99 28.06
N ILE A 336 -10.90 3.15 26.74
CA ILE A 336 -10.99 4.45 26.09
C ILE A 336 -12.09 4.35 25.03
N ASP A 337 -13.13 5.15 25.18
CA ASP A 337 -14.27 5.17 24.28
C ASP A 337 -13.93 6.12 23.15
N ASN A 338 -13.53 5.57 22.03
CA ASN A 338 -13.23 6.38 20.83
C ASN A 338 -13.87 5.72 19.64
N PRO A 339 -14.99 6.30 19.14
CA PRO A 339 -15.72 5.60 18.12
C PRO A 339 -15.12 5.76 16.75
N SER A 340 -14.05 6.52 16.63
CA SER A 340 -13.34 6.59 15.36
C SER A 340 -12.42 5.41 15.14
N VAL A 341 -12.12 4.63 16.16
CA VAL A 341 -11.22 3.49 15.99
C VAL A 341 -11.79 2.48 14.99
N GLY A 342 -11.06 2.25 13.89
CA GLY A 342 -11.47 1.28 12.87
C GLY A 342 -12.35 1.89 11.81
N LYS A 343 -12.71 3.19 11.92
CA LYS A 343 -13.58 3.85 10.98
C LYS A 343 -12.75 4.61 9.94
N ASN A 344 -13.42 5.08 8.89
CA ASN A 344 -12.81 5.93 7.88
C ASN A 344 -11.74 5.27 7.08
N LEU A 345 -11.95 4.00 6.77
CA LEU A 345 -11.05 3.25 5.91
C LEU A 345 -11.17 3.84 4.49
N SER A 346 -10.09 4.49 4.05
CA SER A 346 -9.97 5.10 2.71
C SER A 346 -9.08 4.23 1.82
N ASP A 347 -9.65 3.72 0.72
CA ASP A 347 -8.87 2.87 -0.18
C ASP A 347 -9.31 3.21 -1.58
N GLN A 348 -8.94 2.34 -2.50
CA GLN A 348 -9.15 2.59 -3.91
C GLN A 348 -9.80 1.40 -4.58
N GLY A 349 -10.86 1.66 -5.33
CA GLY A 349 -11.52 0.58 -6.11
C GLY A 349 -10.90 0.55 -7.47
N ALA A 350 -10.76 -0.64 -8.04
CA ALA A 350 -10.09 -0.80 -9.30
C ALA A 350 -10.78 -1.93 -10.05
N THR A 351 -10.66 -1.86 -11.37
CA THR A 351 -11.09 -2.96 -12.23
C THR A 351 -9.99 -3.27 -13.24
N SER A 352 -9.93 -4.50 -13.71
CA SER A 352 -9.15 -4.78 -14.93
C SER A 352 -9.95 -4.28 -16.11
N VAL A 353 -9.24 -3.92 -17.18
CA VAL A 353 -9.84 -3.70 -18.48
C VAL A 353 -8.94 -4.52 -19.39
N MET A 354 -9.53 -5.16 -20.39
CA MET A 354 -8.75 -5.91 -21.39
C MET A 354 -9.18 -5.52 -22.78
N PHE A 355 -8.20 -5.27 -23.65
CA PHE A 355 -8.42 -5.01 -25.08
C PHE A 355 -7.86 -6.16 -25.92
N ASP A 356 -8.52 -6.43 -27.04
CA ASP A 356 -7.87 -7.24 -28.07
C ASP A 356 -6.66 -6.50 -28.56
N THR A 357 -5.54 -7.19 -28.70
CA THR A 357 -4.33 -6.57 -29.28
C THR A 357 -3.60 -7.61 -30.12
N THR A 358 -2.81 -7.10 -31.09
CA THR A 358 -1.91 -7.95 -31.83
C THR A 358 -0.45 -7.69 -31.50
N LEU A 359 -0.21 -6.89 -30.48
CA LEU A 359 1.11 -6.66 -29.99
C LEU A 359 1.73 -7.91 -29.37
N PRO A 360 3.06 -7.96 -29.35
CA PRO A 360 3.79 -9.12 -28.77
C PRO A 360 3.45 -9.29 -27.31
N SER A 361 3.30 -10.54 -26.88
CA SER A 361 3.07 -10.91 -25.50
C SER A 361 4.25 -10.50 -24.60
N THR A 362 3.93 -10.31 -23.33
CA THR A 362 4.93 -10.10 -22.29
C THR A 362 5.14 -11.37 -21.52
N ASP A 363 4.54 -12.46 -21.99
CA ASP A 363 4.68 -13.72 -21.26
C ASP A 363 6.05 -14.28 -21.58
N PHE A 364 6.46 -15.15 -20.69
CA PHE A 364 7.69 -15.92 -20.85
C PHE A 364 7.60 -17.15 -19.97
N ASP A 365 8.46 -18.11 -20.22
CA ASP A 365 8.61 -19.28 -19.37
C ASP A 365 9.16 -18.85 -18.02
N VAL A 366 8.36 -18.97 -16.97
CA VAL A 366 8.69 -18.40 -15.66
C VAL A 366 9.82 -19.16 -14.98
N ASP A 367 9.80 -20.48 -15.10
CA ASP A 367 10.88 -21.30 -14.52
C ASP A 367 12.23 -20.95 -15.14
N ALA A 368 12.24 -20.85 -16.47
CA ALA A 368 13.39 -20.45 -17.23
C ALA A 368 13.85 -19.05 -16.80
N ALA A 369 12.90 -18.14 -16.64
CA ALA A 369 13.25 -16.77 -16.25
C ALA A 369 13.77 -16.73 -14.83
N LEU A 370 13.28 -17.64 -14.01
CA LEU A 370 13.73 -17.67 -12.61
C LEU A 370 15.19 -18.17 -12.57
N THR A 371 15.52 -19.13 -13.43
CA THR A 371 16.89 -19.65 -13.52
C THR A 371 17.78 -18.54 -13.99
N GLU A 372 17.30 -17.76 -14.94
CA GLU A 372 18.03 -16.60 -15.41
C GLU A 372 18.25 -15.57 -14.31
N TRP A 373 17.20 -15.23 -13.57
CA TRP A 373 17.39 -14.25 -12.51
C TRP A 373 18.35 -14.80 -11.49
N THR A 374 18.23 -16.07 -11.20
CA THR A 374 19.13 -16.69 -10.21
C THR A 374 20.57 -16.69 -10.70
N ASN A 375 20.76 -17.00 -11.97
CA ASN A 375 22.11 -17.17 -12.48
C ASN A 375 22.79 -15.83 -12.84
N SER A 376 21.98 -14.80 -13.12
CA SER A 376 22.54 -13.55 -13.65
C SER A 376 21.89 -12.28 -13.15
N HIS A 377 20.78 -12.42 -12.47
CA HIS A 377 20.00 -11.26 -12.03
C HIS A 377 19.57 -10.39 -13.16
N THR A 378 19.32 -11.03 -14.30
CA THR A 378 18.79 -10.35 -15.44
C THR A 378 17.52 -11.06 -15.89
N GLY A 379 16.91 -10.48 -16.89
CA GLY A 379 15.72 -11.04 -17.45
C GLY A 379 14.46 -10.40 -16.94
N PRO A 380 13.34 -10.90 -17.42
CA PRO A 380 12.13 -10.20 -17.03
C PRO A 380 11.81 -10.22 -15.55
N LEU A 381 12.27 -11.22 -14.80
CA LEU A 381 11.98 -11.21 -13.38
C LEU A 381 12.77 -10.19 -12.60
N ALA A 382 13.76 -9.57 -13.25
CA ALA A 382 14.50 -8.49 -12.63
C ALA A 382 13.69 -7.22 -12.49
N ARG A 383 12.61 -7.12 -13.27
CA ARG A 383 11.88 -5.87 -13.36
C ARG A 383 10.61 -5.92 -12.55
N GLY A 384 10.16 -4.74 -12.17
CA GLY A 384 9.03 -4.65 -11.26
C GLY A 384 7.67 -4.92 -11.84
N ALA A 385 7.60 -4.93 -13.17
CA ALA A 385 6.36 -5.22 -13.88
C ALA A 385 6.69 -5.67 -15.29
N ARG A 386 5.68 -6.18 -15.98
CA ARG A 386 5.82 -6.67 -17.35
C ARG A 386 5.50 -5.63 -18.38
N LEU A 387 5.02 -4.45 -17.93
CA LEU A 387 4.92 -3.26 -18.77
C LEU A 387 5.57 -2.15 -17.92
N ASN A 388 5.83 -1.00 -18.53
CA ASN A 388 6.81 -0.05 -17.99
C ASN A 388 6.28 1.30 -17.54
N HIS A 389 4.95 1.49 -17.56
CA HIS A 389 4.39 2.82 -17.37
C HIS A 389 3.13 2.80 -16.50
N LEU A 390 2.83 3.95 -15.96
CA LEU A 390 1.58 4.29 -15.30
C LEU A 390 1.01 5.48 -16.05
N THR A 391 -0.29 5.62 -16.05
CA THR A 391 -0.92 6.81 -16.51
C THR A 391 -1.79 7.36 -15.40
N PHE A 392 -1.73 8.66 -15.17
CA PHE A 392 -2.56 9.32 -14.18
C PHE A 392 -3.39 10.35 -14.93
N VAL A 393 -4.71 10.17 -14.84
CA VAL A 393 -5.67 10.92 -15.64
C VAL A 393 -6.52 11.78 -14.73
N ARG A 394 -6.58 13.09 -15.03
CA ARG A 394 -7.48 13.98 -14.38
C ARG A 394 -8.72 14.13 -15.22
N LEU A 395 -9.87 13.78 -14.69
CA LEU A 395 -11.15 13.90 -15.43
C LEU A 395 -11.61 15.35 -15.33
N PRO A 396 -12.16 15.87 -16.42
CA PRO A 396 -12.73 17.20 -16.35
C PRO A 396 -13.97 17.24 -15.50
N ASP A 397 -14.33 18.44 -15.04
CA ASP A 397 -15.43 18.62 -14.12
C ASP A 397 -16.73 18.02 -14.66
N ASP A 398 -16.94 18.04 -15.98
CA ASP A 398 -18.16 17.47 -16.53
C ASP A 398 -18.16 15.96 -16.68
N LYS A 399 -17.09 15.29 -16.31
CA LYS A 399 -17.10 13.83 -16.22
C LYS A 399 -17.00 13.39 -14.76
N LEU A 400 -17.27 14.32 -13.85
CA LEU A 400 -17.39 13.99 -12.46
C LEU A 400 -18.81 14.13 -12.06
N ASN A 401 -19.39 12.99 -11.70
CA ASN A 401 -20.82 12.96 -11.38
C ASN A 401 -21.01 13.25 -9.91
N GLY A 402 -20.58 14.42 -9.48
CA GLY A 402 -20.62 14.73 -8.07
C GLY A 402 -19.52 15.73 -7.83
N GLN A 403 -19.35 16.10 -6.57
CA GLN A 403 -18.28 16.98 -6.21
C GLN A 403 -16.93 16.27 -6.46
N ASP A 404 -15.96 17.04 -6.94
CA ASP A 404 -14.61 16.56 -7.18
C ASP A 404 -14.02 15.95 -5.91
N PRO A 405 -13.70 14.68 -5.94
CA PRO A 405 -13.21 14.01 -4.71
C PRO A 405 -11.69 14.11 -4.52
N SER A 406 -10.98 14.62 -5.53
CA SER A 406 -9.52 14.67 -5.51
C SER A 406 -9.01 15.76 -4.59
N SER A 407 -7.73 15.69 -4.29
CA SER A 407 -7.08 16.71 -3.42
C SER A 407 -6.84 18.10 -4.02
N GLY A 408 -6.94 18.24 -5.32
CA GLY A 408 -6.70 19.49 -5.97
C GLY A 408 -6.40 19.37 -7.45
N LYS A 409 -6.06 20.49 -8.05
CA LYS A 409 -5.94 20.60 -9.49
C LYS A 409 -4.79 19.77 -10.07
N ASN A 410 -3.81 19.42 -9.23
CA ASN A 410 -2.66 18.65 -9.69
C ASN A 410 -2.92 17.15 -9.52
N SER A 411 -4.10 16.79 -9.03
CA SER A 411 -4.35 15.40 -8.68
C SER A 411 -5.15 14.68 -9.71
N PRO A 412 -4.70 13.47 -10.09
CA PRO A 412 -5.46 12.67 -11.05
C PRO A 412 -6.63 11.97 -10.34
N HIS A 413 -7.71 11.70 -11.05
CA HIS A 413 -8.79 10.89 -10.51
C HIS A 413 -8.61 9.42 -10.76
N ILE A 414 -7.91 9.11 -11.83
CA ILE A 414 -7.85 7.75 -12.38
C ILE A 414 -6.39 7.37 -12.61
N GLU A 415 -6.05 6.12 -12.31
CA GLU A 415 -4.76 5.55 -12.72
C GLU A 415 -5.00 4.45 -13.69
N PHE A 416 -4.16 4.35 -14.71
CA PHE A 416 -3.99 3.13 -15.50
C PHE A 416 -2.67 2.49 -15.07
N GLN A 417 -2.73 1.26 -14.59
CA GLN A 417 -1.54 0.45 -14.30
C GLN A 417 -1.44 -0.67 -15.30
N PHE A 418 -0.67 -0.47 -16.36
CA PHE A 418 -0.63 -1.46 -17.40
C PHE A 418 0.00 -2.72 -16.90
N ALA A 419 -0.67 -3.85 -17.13
CA ALA A 419 -0.22 -5.10 -16.50
C ALA A 419 0.61 -5.97 -17.41
N GLN A 420 0.03 -6.37 -18.53
CA GLN A 420 0.67 -7.33 -19.42
C GLN A 420 -0.05 -7.42 -20.74
N ILE A 421 0.60 -8.11 -21.67
CA ILE A 421 -0.04 -8.54 -22.88
C ILE A 421 0.10 -10.05 -22.94
N THR A 422 -1.00 -10.75 -23.13
CA THR A 422 -0.98 -12.21 -23.01
C THR A 422 -2.09 -12.86 -23.83
N PRO A 423 -1.77 -14.00 -24.48
CA PRO A 423 -2.91 -14.67 -25.14
C PRO A 423 -3.77 -15.47 -24.20
N GLN A 424 -3.33 -15.60 -22.94
CA GLN A 424 -4.07 -16.38 -21.96
C GLN A 424 -4.87 -15.47 -21.03
N VAL A 425 -6.19 -15.65 -21.00
CA VAL A 425 -7.01 -14.86 -20.07
C VAL A 425 -6.48 -15.00 -18.66
N PRO A 426 -6.24 -13.86 -17.97
CA PRO A 426 -5.69 -13.95 -16.63
C PRO A 426 -6.73 -14.20 -15.57
N THR A 427 -6.28 -14.74 -14.44
CA THR A 427 -7.06 -14.78 -13.22
C THR A 427 -6.69 -13.59 -12.33
N LEU A 428 -5.43 -13.14 -12.37
CA LEU A 428 -5.06 -12.01 -11.55
C LEU A 428 -5.80 -10.76 -12.02
N GLY A 429 -6.40 -10.05 -11.08
CA GLY A 429 -7.21 -8.89 -11.35
C GLY A 429 -8.60 -9.17 -11.89
N VAL A 430 -9.04 -10.41 -11.79
CA VAL A 430 -10.32 -10.85 -12.35
C VAL A 430 -11.07 -11.58 -11.24
N PRO A 431 -12.08 -10.91 -10.68
CA PRO A 431 -12.82 -11.62 -9.67
C PRO A 431 -13.40 -13.00 -10.06
N LYS A 432 -13.64 -13.83 -9.05
CA LYS A 432 -14.06 -15.21 -9.29
C LYS A 432 -15.20 -15.44 -10.26
N GLN A 433 -16.23 -14.62 -10.21
CA GLN A 433 -17.41 -14.85 -11.06
C GLN A 433 -17.53 -13.79 -12.13
N ALA A 434 -16.46 -13.03 -12.35
CA ALA A 434 -16.50 -12.00 -13.41
C ALA A 434 -16.56 -12.69 -14.76
N PRO A 435 -17.45 -12.25 -15.64
CA PRO A 435 -17.47 -12.85 -16.97
C PRO A 435 -16.19 -12.61 -17.75
N LEU A 436 -15.76 -13.63 -18.47
CA LEU A 436 -14.48 -13.60 -19.16
C LEU A 436 -14.70 -13.18 -20.60
N PRO A 437 -13.67 -12.63 -21.23
CA PRO A 437 -13.81 -12.24 -22.64
C PRO A 437 -14.03 -13.49 -23.51
N ALA A 438 -14.82 -13.33 -24.57
CA ALA A 438 -15.02 -14.39 -25.52
C ALA A 438 -13.66 -14.78 -26.14
N ALA A 439 -13.31 -16.07 -26.10
CA ALA A 439 -12.08 -16.58 -26.66
C ALA A 439 -11.84 -16.06 -28.08
N ASN A 440 -12.89 -16.04 -28.89
CA ASN A 440 -12.75 -15.63 -30.28
C ASN A 440 -12.70 -14.12 -30.50
N SER A 441 -12.85 -13.34 -29.43
CA SER A 441 -12.86 -11.89 -29.50
C SER A 441 -11.46 -11.31 -29.41
N TYR A 442 -10.43 -12.13 -29.16
CA TYR A 442 -9.08 -11.57 -29.02
C TYR A 442 -8.04 -12.48 -29.60
N ARG A 443 -6.90 -11.87 -29.96
CA ARG A 443 -5.71 -12.59 -30.38
C ARG A 443 -4.83 -12.63 -29.15
N LEU A 444 -4.30 -11.48 -28.74
CA LEU A 444 -3.74 -11.33 -27.41
C LEU A 444 -4.58 -10.34 -26.64
N LEU A 445 -4.41 -10.34 -25.33
CA LEU A 445 -5.06 -9.41 -24.45
C LEU A 445 -4.10 -8.40 -23.88
N LEU A 446 -4.46 -7.12 -23.94
CA LEU A 446 -3.78 -6.07 -23.18
C LEU A 446 -4.59 -5.91 -21.92
N GLN A 447 -4.02 -6.24 -20.79
CA GLN A 447 -4.65 -6.07 -19.47
C GLN A 447 -4.04 -4.89 -18.77
N LEU A 448 -4.91 -4.03 -18.22
CA LEU A 448 -4.46 -2.98 -17.35
C LEU A 448 -5.48 -2.86 -16.21
N ALA A 449 -5.06 -2.30 -15.08
CA ALA A 449 -6.01 -1.92 -14.05
C ALA A 449 -6.36 -0.45 -14.24
N VAL A 450 -7.63 -0.10 -14.02
CA VAL A 450 -8.16 1.26 -14.00
C VAL A 450 -8.61 1.47 -12.55
N VAL A 451 -8.04 2.48 -11.90
CA VAL A 451 -8.14 2.65 -10.45
C VAL A 451 -8.76 4.03 -10.19
N ASN A 452 -9.79 4.03 -9.35
CA ASN A 452 -10.40 5.24 -8.84
C ASN A 452 -9.65 5.66 -7.62
N LEU A 453 -8.69 6.57 -7.79
CA LEU A 453 -7.72 6.88 -6.74
C LEU A 453 -8.36 7.56 -5.53
N TYR A 454 -9.47 8.25 -5.76
CA TYR A 454 -10.19 8.93 -4.70
C TYR A 454 -11.56 8.33 -4.59
N SER A 455 -11.61 7.13 -4.03
CA SER A 455 -12.87 6.46 -3.79
C SER A 455 -13.36 6.95 -2.43
N ILE A 456 -14.48 7.67 -2.43
CA ILE A 456 -14.95 8.42 -1.28
C ILE A 456 -15.68 7.56 -0.27
N SER A 457 -16.12 6.36 -0.68
CA SER A 457 -16.89 5.56 0.22
C SER A 457 -15.97 4.94 1.24
N ARG A 458 -16.19 5.29 2.49
CA ARG A 458 -15.28 4.94 3.60
C ARG A 458 -15.75 3.66 4.23
N GLY A 459 -14.78 2.80 4.51
CA GLY A 459 -15.05 1.50 5.15
C GLY A 459 -14.71 1.46 6.62
N SER A 460 -14.64 0.26 7.15
CA SER A 460 -14.40 0.06 8.55
C SER A 460 -13.82 -1.31 8.88
N ILE A 461 -13.14 -1.36 10.01
CA ILE A 461 -12.62 -2.55 10.65
C ILE A 461 -13.36 -2.66 11.96
N SER A 462 -13.93 -3.82 12.18
CA SER A 462 -14.60 -4.15 13.47
C SER A 462 -14.31 -5.56 13.91
N LEU A 463 -14.72 -5.92 15.13
CA LEU A 463 -14.46 -7.26 15.68
C LEU A 463 -15.63 -8.23 15.55
N SER A 464 -15.29 -9.48 15.20
CA SER A 464 -16.24 -10.61 15.27
C SER A 464 -16.38 -11.09 16.70
N ASP A 465 -15.24 -11.15 17.39
CA ASP A 465 -15.18 -11.53 18.81
C ASP A 465 -13.92 -10.93 19.43
N ASN A 466 -13.61 -11.29 20.67
CA ASN A 466 -12.50 -10.65 21.39
C ASN A 466 -11.20 -11.44 21.33
N ASN A 467 -11.10 -12.38 20.40
CA ASN A 467 -9.91 -13.26 20.31
C ASN A 467 -8.97 -12.61 19.30
N PRO A 468 -7.77 -12.22 19.73
CA PRO A 468 -6.89 -11.57 18.74
C PRO A 468 -6.51 -12.41 17.54
N PHE A 469 -6.70 -13.71 17.66
CA PHE A 469 -6.39 -14.59 16.55
C PHE A 469 -7.58 -14.73 15.59
N THR A 470 -8.71 -14.14 15.92
CA THR A 470 -9.85 -14.13 15.00
C THR A 470 -9.67 -12.94 14.10
N TYR A 471 -9.84 -13.14 12.82
CA TYR A 471 -9.72 -12.04 11.89
C TYR A 471 -10.83 -11.02 12.07
N PRO A 472 -10.49 -9.75 11.80
CA PRO A 472 -11.51 -8.75 12.01
C PRO A 472 -12.46 -8.70 10.83
N LEU A 473 -13.57 -7.99 10.98
CA LEU A 473 -14.53 -7.81 9.91
C LEU A 473 -14.10 -6.58 9.13
N ILE A 474 -13.92 -6.74 7.83
CA ILE A 474 -13.40 -5.66 6.99
C ILE A 474 -14.54 -5.31 6.05
N ASP A 475 -14.97 -4.04 6.10
CA ASP A 475 -15.88 -3.55 5.13
C ASP A 475 -15.23 -2.45 4.32
N LEU A 476 -15.27 -2.51 3.01
CA LEU A 476 -14.76 -1.44 2.22
C LEU A 476 -15.85 -0.43 1.83
N ASN A 477 -17.11 -0.77 2.16
CA ASN A 477 -18.27 0.05 1.79
C ASN A 477 -18.27 0.41 0.29
N MET A 478 -17.81 -0.51 -0.57
CA MET A 478 -17.54 -0.21 -1.98
C MET A 478 -18.80 0.26 -2.69
N PHE A 479 -18.63 1.38 -3.41
CA PHE A 479 -19.66 1.95 -4.22
C PHE A 479 -20.93 2.45 -3.45
N LYS A 480 -20.80 2.75 -2.18
CA LYS A 480 -21.89 3.33 -1.45
C LYS A 480 -22.29 4.67 -2.01
N GLU A 481 -21.28 5.48 -2.31
CA GLU A 481 -21.47 6.77 -2.98
C GLU A 481 -21.39 6.59 -4.49
N ASP A 482 -22.34 7.15 -5.22
CA ASP A 482 -22.45 6.96 -6.66
C ASP A 482 -21.21 7.47 -7.44
N ILE A 483 -20.60 8.53 -6.95
CA ILE A 483 -19.44 9.09 -7.66
C ILE A 483 -18.33 8.03 -7.86
N ASP A 484 -18.25 7.08 -6.92
CA ASP A 484 -17.18 6.09 -7.02
C ASP A 484 -17.30 5.19 -8.25
N ILE A 485 -18.48 4.65 -8.48
CA ILE A 485 -18.66 3.83 -9.67
C ILE A 485 -18.66 4.70 -10.93
N ALA A 486 -19.14 5.93 -10.81
CA ALA A 486 -19.23 6.86 -12.01
C ALA A 486 -17.79 7.21 -12.47
N ILE A 487 -16.94 7.47 -11.52
CA ILE A 487 -15.54 7.78 -11.84
C ILE A 487 -14.85 6.60 -12.49
N LEU A 488 -15.11 5.41 -11.96
CA LEU A 488 -14.53 4.23 -12.59
C LEU A 488 -15.04 4.00 -14.00
N ARG A 489 -16.33 4.21 -14.23
CA ARG A 489 -16.89 4.17 -15.60
C ARG A 489 -16.18 5.12 -16.49
N GLU A 490 -15.94 6.34 -15.99
CA GLU A 490 -15.22 7.29 -16.81
C GLU A 490 -13.79 6.92 -17.02
N GLY A 491 -13.23 6.23 -16.04
CA GLY A 491 -11.87 5.74 -16.21
C GLY A 491 -11.79 4.74 -17.32
N ILE A 492 -12.79 3.88 -17.42
CA ILE A 492 -12.83 2.93 -18.53
C ILE A 492 -12.94 3.66 -19.85
N ARG A 493 -13.80 4.66 -19.93
CA ARG A 493 -13.97 5.41 -21.16
C ARG A 493 -12.68 6.11 -21.49
N SER A 494 -11.95 6.55 -20.50
CA SER A 494 -10.68 7.25 -20.74
C SER A 494 -9.66 6.27 -21.36
N ALA A 495 -9.57 5.08 -20.79
CA ALA A 495 -8.71 4.03 -21.40
C ALA A 495 -9.04 3.77 -22.85
N GLY A 496 -10.33 3.78 -23.15
CA GLY A 496 -10.83 3.61 -24.49
C GLY A 496 -10.28 4.68 -25.40
N ARG A 497 -10.21 5.92 -24.90
CA ARG A 497 -9.68 6.99 -25.71
C ARG A 497 -8.18 6.86 -25.96
N MET A 498 -7.44 6.41 -24.96
CA MET A 498 -6.01 6.24 -25.14
C MET A 498 -5.77 5.20 -26.23
N PHE A 499 -6.50 4.09 -26.23
CA PHE A 499 -6.15 2.97 -27.11
C PHE A 499 -6.84 3.08 -28.44
N SER A 500 -7.60 4.17 -28.57
CA SER A 500 -8.15 4.66 -29.84
C SER A 500 -7.25 5.58 -30.59
N SER A 501 -6.09 5.93 -30.04
CA SER A 501 -5.21 6.91 -30.68
C SER A 501 -4.74 6.41 -32.02
N LYS A 502 -4.34 7.33 -32.87
CA LYS A 502 -3.79 6.93 -34.14
C LYS A 502 -2.59 5.98 -34.00
N ALA A 503 -1.74 6.21 -33.00
CA ALA A 503 -0.56 5.35 -32.75
C ALA A 503 -0.99 3.88 -32.57
N PHE A 504 -2.15 3.71 -31.90
CA PHE A 504 -2.63 2.41 -31.55
C PHE A 504 -3.46 1.74 -32.63
N LYS A 505 -3.67 2.40 -33.75
CA LYS A 505 -4.56 1.76 -34.69
C LYS A 505 -4.02 0.47 -35.25
N ASN A 506 -4.94 -0.48 -35.32
CA ASN A 506 -4.64 -1.87 -35.65
C ASN A 506 -3.78 -2.68 -34.67
N SER A 507 -3.16 -2.03 -33.67
CA SER A 507 -2.32 -2.70 -32.65
C SER A 507 -3.15 -3.06 -31.42
N VAL A 508 -3.93 -2.09 -30.93
CA VAL A 508 -4.79 -2.31 -29.76
C VAL A 508 -6.19 -1.96 -30.22
N ASN A 509 -7.10 -2.92 -30.21
CA ASN A 509 -8.40 -2.78 -30.85
C ASN A 509 -9.54 -2.72 -29.86
N LYS A 510 -10.55 -3.55 -30.01
CA LYS A 510 -11.74 -3.36 -29.15
C LYS A 510 -11.53 -3.80 -27.73
N PHE A 511 -12.33 -3.20 -26.85
CA PHE A 511 -12.53 -3.75 -25.56
C PHE A 511 -13.05 -5.16 -25.69
N VAL A 512 -12.56 -6.04 -24.82
CA VAL A 512 -13.10 -7.40 -24.66
C VAL A 512 -13.50 -7.71 -23.19
N TYR A 513 -12.95 -6.99 -22.20
CA TYR A 513 -13.39 -7.00 -20.78
C TYR A 513 -13.31 -5.55 -20.32
N PRO A 514 -14.44 -4.84 -20.24
CA PRO A 514 -15.83 -5.25 -20.56
C PRO A 514 -16.02 -5.53 -22.03
N PRO A 515 -17.05 -6.31 -22.37
CA PRO A 515 -17.34 -6.53 -23.79
C PRO A 515 -17.46 -5.22 -24.55
N ALA A 516 -17.13 -5.21 -25.85
CA ALA A 516 -17.24 -4.00 -26.66
C ALA A 516 -18.67 -3.45 -26.72
N ASP A 517 -19.65 -4.34 -26.55
CA ASP A 517 -21.06 -3.93 -26.61
C ASP A 517 -21.56 -3.32 -25.30
N ALA A 518 -20.77 -3.44 -24.23
CA ALA A 518 -21.15 -2.86 -22.98
C ALA A 518 -20.71 -1.42 -22.96
N THR A 519 -21.59 -0.48 -23.35
CA THR A 519 -21.18 0.92 -23.50
C THR A 519 -21.93 1.89 -22.60
N SER A 520 -23.14 1.50 -22.22
CA SER A 520 -24.02 2.37 -21.45
C SER A 520 -23.56 2.46 -19.99
N ASP A 521 -23.97 3.52 -19.29
CA ASP A 521 -23.71 3.61 -17.85
C ASP A 521 -24.21 2.37 -17.15
N GLU A 522 -25.41 1.93 -17.52
CA GLU A 522 -26.01 0.77 -16.87
C GLU A 522 -25.15 -0.46 -17.11
N ASP A 523 -24.68 -0.62 -18.33
CA ASP A 523 -23.98 -1.83 -18.67
C ASP A 523 -22.61 -1.78 -18.09
N LEU A 524 -21.99 -0.60 -18.03
CA LEU A 524 -20.67 -0.61 -17.40
C LEU A 524 -20.77 -0.77 -15.90
N ASP A 525 -21.83 -0.25 -15.31
CA ASP A 525 -22.02 -0.43 -13.88
C ASP A 525 -22.21 -1.87 -13.52
N ALA A 526 -22.98 -2.62 -14.32
CA ALA A 526 -23.16 -4.06 -14.09
C ALA A 526 -21.80 -4.75 -14.20
N PHE A 527 -21.07 -4.44 -15.24
CA PHE A 527 -19.68 -4.96 -15.35
C PHE A 527 -18.84 -4.63 -14.08
N LEU A 528 -18.84 -3.38 -13.65
CA LEU A 528 -18.07 -2.95 -12.51
C LEU A 528 -18.49 -3.66 -11.22
N ARG A 529 -19.77 -3.92 -11.02
CA ARG A 529 -20.14 -4.66 -9.82
C ARG A 529 -19.52 -6.05 -9.75
N SER A 530 -19.35 -6.70 -10.89
CA SER A 530 -18.75 -8.02 -10.99
C SER A 530 -17.21 -7.97 -11.06
N SER A 531 -16.65 -6.85 -11.52
CA SER A 531 -15.19 -6.78 -11.86
C SER A 531 -14.32 -6.03 -10.87
N THR A 532 -14.95 -5.21 -10.04
CA THR A 532 -14.18 -4.31 -9.19
C THR A 532 -13.59 -5.04 -8.00
N PHE A 533 -12.33 -4.73 -7.70
CA PHE A 533 -11.69 -5.32 -6.53
C PHE A 533 -10.94 -4.20 -5.83
N SER A 534 -10.35 -4.51 -4.69
CA SER A 534 -9.66 -3.50 -3.89
C SER A 534 -8.19 -3.37 -4.36
N TYR A 535 -7.72 -2.14 -4.49
CA TYR A 535 -6.33 -1.87 -4.76
C TYR A 535 -5.45 -1.94 -3.50
N VAL A 536 -6.04 -2.22 -2.35
CA VAL A 536 -5.31 -2.44 -1.09
C VAL A 536 -4.25 -1.35 -0.76
N HIS A 537 -4.66 -0.11 -0.96
CA HIS A 537 -3.89 1.07 -0.59
C HIS A 537 -4.57 1.77 0.55
N GLY A 538 -5.03 0.94 1.48
CA GLY A 538 -5.88 1.42 2.58
C GLY A 538 -5.14 2.26 3.60
N VAL A 539 -5.79 3.34 4.00
CA VAL A 539 -5.33 4.18 5.09
C VAL A 539 -6.52 4.58 5.97
N GLY A 540 -6.23 5.24 7.10
CA GLY A 540 -7.28 6.06 7.73
C GLY A 540 -8.06 5.50 8.90
N THR A 541 -7.81 4.24 9.26
CA THR A 541 -8.62 3.55 10.26
C THR A 541 -8.28 3.97 11.69
N LEU A 542 -7.17 4.69 11.88
CA LEU A 542 -6.83 5.26 13.18
C LEU A 542 -6.36 6.68 12.89
N SER A 543 -7.28 7.46 12.33
CA SER A 543 -6.94 8.70 11.65
C SER A 543 -6.27 9.75 12.54
N MET A 544 -5.31 10.41 11.96
CA MET A 544 -4.63 11.51 12.62
C MET A 544 -5.50 12.74 12.46
N SER A 545 -5.69 13.42 13.58
CA SER A 545 -6.49 14.66 13.57
C SER A 545 -5.92 15.61 14.57
N PRO A 546 -6.29 16.91 14.48
CA PRO A 546 -5.71 17.81 15.49
C PRO A 546 -6.08 17.47 16.92
N LYS A 547 -5.23 17.85 17.86
CA LYS A 547 -5.52 17.60 19.28
C LYS A 547 -6.71 18.45 19.60
N GLY A 548 -7.76 17.87 20.18
CA GLY A 548 -8.99 18.62 20.40
C GLY A 548 -10.05 18.44 19.32
N ALA A 549 -9.69 17.88 18.17
CA ALA A 549 -10.67 17.54 17.14
C ALA A 549 -11.68 16.58 17.71
N SER A 550 -12.91 16.62 17.18
CA SER A 550 -14.02 15.80 17.69
C SER A 550 -14.04 14.39 17.08
N TRP A 551 -13.00 14.02 16.38
CA TRP A 551 -12.95 12.71 15.75
C TRP A 551 -11.52 12.35 15.57
N GLY A 552 -11.28 11.11 15.17
CA GLY A 552 -9.96 10.61 14.91
C GLY A 552 -9.44 9.86 16.12
N VAL A 553 -8.23 9.30 15.95
CA VAL A 553 -7.61 8.43 16.93
C VAL A 553 -6.25 8.90 17.40
N VAL A 554 -5.41 9.42 16.53
CA VAL A 554 -4.11 9.93 16.96
C VAL A 554 -4.00 11.44 16.77
N ASN A 555 -3.21 12.07 17.64
CA ASN A 555 -2.84 13.45 17.50
C ASN A 555 -1.69 13.57 16.53
N PRO A 556 -1.33 14.80 16.14
CA PRO A 556 -0.26 15.00 15.16
C PRO A 556 1.11 14.52 15.60
N ASP A 557 1.24 14.15 16.87
CA ASP A 557 2.46 13.57 17.39
C ASP A 557 2.41 12.07 17.27
N PHE A 558 1.39 11.53 16.61
CA PHE A 558 1.18 10.10 16.46
C PHE A 558 0.75 9.37 17.75
N LYS A 559 0.56 10.10 18.84
CA LYS A 559 0.11 9.49 20.09
C LYS A 559 -1.38 9.21 20.03
N VAL A 560 -1.81 8.07 20.62
CA VAL A 560 -3.22 7.80 20.71
C VAL A 560 -3.82 8.83 21.66
N LYS A 561 -4.91 9.46 21.20
CA LYS A 561 -5.67 10.41 22.01
C LYS A 561 -6.12 9.74 23.31
N GLY A 562 -5.95 10.46 24.40
CA GLY A 562 -6.38 9.97 25.72
C GLY A 562 -5.39 9.03 26.39
N THR A 563 -4.22 8.83 25.80
CA THR A 563 -3.27 7.87 26.38
C THR A 563 -1.89 8.48 26.54
N SER A 564 -1.01 7.80 27.28
CA SER A 564 0.44 8.05 27.24
C SER A 564 1.15 6.75 26.91
N GLY A 565 2.37 6.88 26.42
CA GLY A 565 3.23 5.76 26.16
C GLY A 565 2.84 4.92 24.95
N LEU A 566 2.00 5.47 24.05
CA LEU A 566 1.40 4.71 22.98
C LEU A 566 1.26 5.55 21.71
N ARG A 567 1.89 5.09 20.65
CA ARG A 567 1.71 5.73 19.38
C ARG A 567 1.30 4.72 18.37
N VAL A 568 0.72 5.21 17.27
CA VAL A 568 0.43 4.44 16.09
C VAL A 568 1.20 5.09 14.93
N VAL A 569 2.04 4.29 14.25
CA VAL A 569 2.79 4.75 13.09
C VAL A 569 2.69 3.74 11.99
N ASP A 570 1.74 3.95 11.06
CA ASP A 570 1.57 3.10 9.86
C ASP A 570 0.44 3.73 9.04
N ALA A 571 -0.02 3.03 8.04
CA ALA A 571 -0.99 3.60 7.12
C ALA A 571 -2.30 4.03 7.83
N SER A 572 -2.59 3.45 8.98
CA SER A 572 -3.85 3.70 9.60
C SER A 572 -4.06 5.17 9.99
N VAL A 573 -2.97 5.90 10.20
CA VAL A 573 -3.07 7.27 10.64
C VAL A 573 -3.29 8.26 9.47
N ILE A 574 -2.93 7.85 8.27
CA ILE A 574 -2.95 8.76 7.12
C ILE A 574 -4.40 9.06 6.82
N PRO A 575 -4.77 10.34 6.70
CA PRO A 575 -6.21 10.59 6.70
C PRO A 575 -7.08 10.07 5.56
N HIS A 576 -6.53 10.08 4.35
CA HIS A 576 -7.24 9.54 3.18
C HIS A 576 -6.26 9.07 2.20
N ALA A 577 -6.66 8.19 1.29
CA ALA A 577 -5.71 7.65 0.36
C ALA A 577 -5.27 8.79 -0.62
N PRO A 578 -3.99 8.74 -1.04
CA PRO A 578 -3.49 9.67 -2.04
C PRO A 578 -3.78 9.23 -3.47
N ALA A 579 -3.48 10.09 -4.44
CA ALA A 579 -3.41 9.73 -5.84
C ALA A 579 -2.09 8.99 -6.16
N ALA A 580 -1.99 7.79 -5.61
CA ALA A 580 -0.73 7.09 -5.51
C ALA A 580 -0.93 5.72 -4.91
N HIS A 581 0.08 4.88 -5.12
CA HIS A 581 0.27 3.70 -4.32
C HIS A 581 0.87 4.09 -3.03
N THR A 582 0.46 3.44 -1.94
CA THR A 582 0.69 3.98 -0.64
C THR A 582 1.99 3.67 0.09
N GLN A 583 2.88 2.88 -0.51
CA GLN A 583 4.08 2.56 0.27
C GLN A 583 4.90 3.80 0.62
N LEU A 584 5.15 4.66 -0.35
CA LEU A 584 5.99 5.80 -0.08
C LEU A 584 5.34 6.69 1.00
N PRO A 585 4.05 7.02 0.86
CA PRO A 585 3.42 7.82 1.93
C PRO A 585 3.61 7.17 3.31
N VAL A 586 3.50 5.86 3.39
CA VAL A 586 3.74 5.19 4.67
C VAL A 586 5.20 5.39 5.15
N TYR A 587 6.17 5.14 4.26
CA TYR A 587 7.58 5.36 4.61
C TYR A 587 7.80 6.76 5.10
N ALA A 588 7.18 7.74 4.43
CA ALA A 588 7.41 9.16 4.73
C ALA A 588 6.72 9.53 6.04
N PHE A 589 5.54 9.00 6.31
CA PHE A 589 4.94 9.21 7.62
C PHE A 589 5.74 8.57 8.74
N ALA A 590 6.30 7.40 8.45
CA ALA A 590 7.04 6.67 9.44
C ALA A 590 8.34 7.42 9.72
N GLU A 591 9.00 7.95 8.68
CA GLU A 591 10.20 8.73 8.91
C GLU A 591 9.86 10.00 9.73
N TYR A 592 8.74 10.62 9.37
CA TYR A 592 8.30 11.84 10.06
C TYR A 592 8.04 11.58 11.57
N ALA A 593 7.32 10.50 11.86
CA ALA A 593 7.11 10.02 13.22
C ALA A 593 8.44 9.74 13.92
N SER A 594 9.34 8.97 13.27
CA SER A 594 10.62 8.62 13.89
C SER A 594 11.37 9.83 14.37
N ALA A 595 11.47 10.86 13.52
CA ALA A 595 12.17 12.08 13.85
C ALA A 595 11.53 12.71 15.06
N LEU A 596 10.21 12.78 15.11
CA LEU A 596 9.62 13.53 16.20
C LEU A 596 9.57 12.75 17.48
N ILE A 597 9.43 11.43 17.41
CA ILE A 597 9.57 10.59 18.61
C ILE A 597 10.96 10.75 19.24
N ALA A 598 12.02 10.54 18.44
CA ALA A 598 13.42 10.68 18.91
C ALA A 598 13.66 12.07 19.55
N LYS A 599 13.22 13.13 18.87
CA LYS A 599 13.30 14.50 19.35
C LYS A 599 12.66 14.68 20.70
N SER A 600 11.49 14.09 20.91
CA SER A 600 10.78 14.16 22.21
C SER A 600 11.54 13.58 23.45
N TYR A 601 12.57 12.76 23.20
CA TYR A 601 13.46 12.24 24.24
C TYR A 601 14.88 12.86 24.16
N ASN A 602 15.00 13.88 23.32
CA ASN A 602 16.21 14.72 23.13
C ASN A 602 17.39 13.98 22.50
C1 NAG B . -14.14 10.35 9.54
C2 NAG B . -14.72 10.61 10.93
C3 NAG B . -15.58 11.91 11.01
C4 NAG B . -14.87 13.07 10.39
C5 NAG B . -14.16 12.66 9.09
C6 NAG B . -13.19 13.75 8.76
C7 NAG B . -15.34 8.71 12.31
C8 NAG B . -16.42 7.73 12.74
N2 NAG B . -15.62 9.60 11.36
O3 NAG B . -16.09 12.18 12.33
O4 NAG B . -15.80 14.12 10.08
O5 NAG B . -13.36 11.45 9.19
O6 NAG B . -12.73 13.72 7.43
O7 NAG B . -14.23 8.71 12.81
C1 NAG B . -15.91 15.09 11.11
C2 NAG B . -16.32 16.41 10.50
C3 NAG B . -16.56 17.44 11.60
C4 NAG B . -17.48 16.86 12.67
C5 NAG B . -16.90 15.53 13.17
C6 NAG B . -17.61 14.88 14.35
C7 NAG B . -15.36 16.67 8.27
C8 NAG B . -14.21 17.16 7.46
N2 NAG B . -15.27 16.85 9.59
O3 NAG B . -17.09 18.59 10.99
O4 NAG B . -17.53 17.78 13.76
O5 NAG B . -16.86 14.64 12.07
O6 NAG B . -18.94 14.63 13.98
O7 NAG B . -16.33 16.10 7.73
O2A FED C . 3.42 -3.21 5.81
PA FED C . 2.25 -3.38 6.71
O1A FED C . 1.17 -4.34 6.29
O5B FED C . 2.80 -3.80 8.13
C5B FED C . 2.06 -4.35 9.24
C4B FED C . 2.90 -5.45 9.80
C3B FED C . 2.96 -6.73 8.97
O3B FED C . 4.29 -7.18 8.78
C2B FED C . 2.08 -7.71 9.75
O2B FED C . 2.32 -9.09 9.56
C1B FED C . 2.24 -7.20 11.16
N9A FED C . 1.19 -7.62 12.07
C4A FED C . 1.36 -7.92 13.39
N3A FED C . 2.52 -8.18 14.01
C2A FED C . 2.38 -8.53 15.32
N1A FED C . 1.20 -8.57 15.94
C6A FED C . 0.06 -8.34 15.30
N6A FED C . -1.15 -8.34 15.93
C5A FED C . 0.12 -8.02 13.97
N7A FED C . -0.85 -7.66 13.05
C8A FED C . -0.18 -7.37 11.93
O4B FED C . 2.20 -5.80 11.01
O3P FED C . 1.50 -1.97 6.98
P FED C . 2.10 -0.49 6.89
O1P FED C . 3.41 -0.41 7.72
O2P FED C . 0.93 0.41 7.22
O5' FED C . 2.46 -0.39 5.33
C5' FED C . 1.45 -0.48 4.30
C4' FED C . 2.02 -0.34 2.88
O4' FED C . 3.07 -1.31 2.73
C3' FED C . 1.00 -0.73 1.80
O3' FED C . 0.06 0.36 1.82
C2' FED C . 1.60 -0.88 0.39
O2' FED C . 2.56 -1.96 0.35
C1' FED C . 0.46 -1.16 -0.59
N10 FED C . 0.85 -1.80 -1.87
C10 FED C . 1.54 -1.10 -2.78
N1 FED C . 1.93 0.18 -2.41
C2 FED C . 2.92 0.70 -3.20
O2 FED C . 3.23 1.89 -3.03
C9A FED C . 0.50 -3.16 -2.17
C9 FED C . 0.30 -4.05 -1.09
C8 FED C . 0.04 -5.41 -1.32
C8M FED C . -0.12 -6.37 -0.11
C7 FED C . 0.14 -5.91 -2.61
C7M FED C . -0.50 -7.26 -2.95
C6 FED C . 0.50 -5.05 -3.68
C5X FED C . 0.70 -3.67 -3.48
N5 FED C . 1.30 -2.90 -4.49
C4X FED C . 1.56 -1.45 -4.20
O4X FED C . 0.61 -0.68 -4.82
C4 FED C . 2.86 -1.17 -4.67
N3 FED C . 3.39 0.06 -4.31
O4 FED C . 3.17 -1.61 -5.88
C1 NAG D . -3.02 -18.27 3.19
C2 NAG D . -2.34 -18.90 4.43
C3 NAG D . -1.12 -19.69 3.99
C4 NAG D . -1.54 -20.69 2.89
C5 NAG D . -2.39 -19.99 1.79
C6 NAG D . -2.96 -20.88 0.66
C7 NAG D . -2.22 -17.95 6.70
C8 NAG D . -1.93 -16.76 7.57
N2 NAG D . -2.05 -17.84 5.38
O3 NAG D . -0.56 -20.26 5.18
O4 NAG D . -0.39 -21.19 2.24
O5 NAG D . -3.47 -19.34 2.39
O6 NAG D . -3.67 -21.94 1.25
O7 NAG D . -2.59 -18.99 7.23
P PO4 E . -14.01 -11.86 -5.42
O1 PO4 E . -13.77 -12.54 -4.07
O2 PO4 E . -13.53 -10.44 -5.24
O3 PO4 E . -13.17 -12.66 -6.43
O4 PO4 E . -15.50 -11.82 -5.75
#